data_4A7B
#
_entry.id   4A7B
#
_cell.length_a   135.854
_cell.length_b   36.220
_cell.length_c   95.568
_cell.angle_alpha   90.00
_cell.angle_beta   131.10
_cell.angle_gamma   90.00
#
_symmetry.space_group_name_H-M   'C 1 2 1'
#
loop_
_entity.id
_entity.type
_entity.pdbx_description
1 polymer 'COLLAGENASE 3'
2 non-polymer N-[(3S)-1,1-dioxidotetrahydro-2H-thiopyran-3-yl]-4-(4-{[(3S)-3-hydroxy-1-azabicyclo[2.2.2]oct-3-yl]ethynyl}phenoxy)benzamide
3 non-polymer 'ACETOHYDROXAMIC ACID'
4 non-polymer GLYCEROL
5 non-polymer 'ZINC ION'
6 non-polymer 'CALCIUM ION'
7 non-polymer 'SODIUM ION'
8 non-polymer N-[(3R)-1,1-dioxidotetrahydro-2H-thiopyran-3-yl]-4-(4-{[(3S)-3-hydroxy-1-azabicyclo[2.2.2]oct-3-yl]ethynyl}phenoxy)benzamide
9 water water
#
_entity_poly.entity_id   1
_entity_poly.type   'polypeptide(L)'
_entity_poly.pdbx_seq_one_letter_code
;YNVFPRTLKWSKMNLTYRIVNYTPDMTHSEVEKAFKKAFKVWSDVTPLNFTRLHDGIADIMISFGIKEHGDFYPFDGPSG
LLAHAFPPGPNYGGDAHFDDDETWTSSSKGYNLFLVAAHEFGHSLGLDHSKDPGALMFPIYTYTGKSHFMLPDDDVQGIQ
SLYGPGDED
;
_entity_poly.pdbx_strand_id   A,B
#
# COMPACT_ATOMS: atom_id res chain seq x y z
N TYR A 1 -1.05 -8.93 18.78
CA TYR A 1 -1.82 -8.18 17.73
C TYR A 1 -1.09 -6.92 17.32
N ASN A 2 -1.44 -6.38 16.14
CA ASN A 2 -0.93 -5.15 15.60
C ASN A 2 -2.01 -4.46 14.79
N VAL A 3 -2.36 -3.25 15.23
CA VAL A 3 -3.09 -2.29 14.39
C VAL A 3 -2.16 -1.72 13.30
N PHE A 4 -2.70 -1.37 12.14
CA PHE A 4 -1.90 -0.70 11.14
C PHE A 4 -1.25 0.58 11.73
N PRO A 5 -0.04 0.96 11.26
CA PRO A 5 0.62 2.20 11.75
C PRO A 5 -0.23 3.49 11.47
N ARG A 6 0.11 4.63 12.07
CA ARG A 6 -0.65 5.91 11.89
C ARG A 6 -0.61 6.51 10.46
N THR A 7 0.53 6.39 9.79
CA THR A 7 0.72 7.04 8.50
C THR A 7 1.22 5.95 7.58
N LEU A 8 1.10 6.11 6.26
CA LEU A 8 1.88 5.27 5.35
C LEU A 8 3.39 5.62 5.52
N LYS A 9 4.20 4.70 6.04
CA LYS A 9 5.65 4.91 6.07
C LYS A 9 6.30 3.55 5.93
N TRP A 10 7.62 3.50 5.68
CA TRP A 10 8.35 2.21 5.72
C TRP A 10 8.61 1.84 7.15
N SER A 11 8.41 0.55 7.46
CA SER A 11 8.54 0.04 8.81
C SER A 11 9.95 -0.48 9.04
N LYS A 12 10.85 -0.20 8.10
CA LYS A 12 12.26 -0.59 8.17
C LYS A 12 13.09 0.61 7.64
N MET A 13 14.30 0.82 8.13
CA MET A 13 15.08 1.99 7.73
C MET A 13 15.96 1.70 6.52
N ASN A 14 16.28 0.43 6.32
CA ASN A 14 17.10 0.04 5.19
C ASN A 14 16.24 -0.22 3.96
N LEU A 15 16.42 0.57 2.90
CA LEU A 15 15.61 0.47 1.72
C LEU A 15 16.50 0.23 0.52
N THR A 16 15.96 -0.45 -0.48
CA THR A 16 16.68 -0.74 -1.70
C THR A 16 15.99 -0.09 -2.88
N TYR A 17 16.77 0.16 -3.93
CA TYR A 17 16.17 0.66 -5.18
C TYR A 17 16.77 -0.02 -6.38
N ARG A 18 16.02 0.00 -7.50
CA ARG A 18 16.52 -0.55 -8.76
C ARG A 18 16.17 0.36 -9.88
N ILE A 19 17.19 0.73 -10.64
CA ILE A 19 16.99 1.46 -11.90
C ILE A 19 16.64 0.43 -12.98
N VAL A 20 15.35 0.31 -13.26
CA VAL A 20 14.86 -0.76 -14.12
C VAL A 20 15.27 -0.53 -15.58
N ASN A 21 15.26 0.74 -16.00
CA ASN A 21 15.59 1.12 -17.35
C ASN A 21 15.97 2.60 -17.34
N TYR A 22 16.39 3.06 -18.51
CA TYR A 22 17.05 4.38 -18.61
C TYR A 22 16.48 5.19 -19.75
N THR A 23 16.47 6.48 -19.48
CA THR A 23 16.07 7.50 -20.43
C THR A 23 17.09 7.63 -21.55
N PRO A 24 16.61 7.95 -22.79
CA PRO A 24 17.60 8.25 -23.84
C PRO A 24 18.48 9.51 -23.52
N ASP A 25 18.01 10.44 -22.66
CA ASP A 25 18.50 11.84 -22.69
C ASP A 25 19.83 12.04 -22.01
N MET A 26 20.25 11.07 -21.18
CA MET A 26 21.42 11.20 -20.30
C MET A 26 22.15 9.86 -20.24
N THR A 27 23.45 9.89 -19.91
CA THR A 27 24.19 8.62 -19.78
C THR A 27 23.73 7.82 -18.58
N HIS A 28 23.97 6.54 -18.59
CA HIS A 28 23.72 5.71 -17.40
C HIS A 28 24.30 6.35 -16.18
N SER A 29 25.56 6.77 -16.33
CA SER A 29 26.30 7.35 -15.24
C SER A 29 25.64 8.63 -14.67
N GLU A 30 25.29 9.58 -15.54
CA GLU A 30 24.47 10.75 -15.11
C GLU A 30 23.14 10.37 -14.40
N VAL A 31 22.45 9.37 -14.94
CA VAL A 31 21.17 8.93 -14.31
C VAL A 31 21.41 8.37 -12.90
N GLU A 32 22.39 7.49 -12.79
CA GLU A 32 22.81 6.97 -11.52
C GLU A 32 23.26 8.05 -10.54
N LYS A 33 23.98 9.07 -11.00
CA LYS A 33 24.47 10.10 -10.08
C LYS A 33 23.31 10.96 -9.56
N ALA A 34 22.39 11.27 -10.50
CA ALA A 34 21.15 12.01 -10.18
C ALA A 34 20.35 11.31 -9.10
N PHE A 35 20.11 10.01 -9.28
CA PHE A 35 19.25 9.27 -8.35
C PHE A 35 19.95 9.04 -7.00
N LYS A 36 21.27 8.82 -7.01
CA LYS A 36 22.00 8.58 -5.79
C LYS A 36 21.89 9.85 -4.91
N LYS A 37 22.05 11.00 -5.56
CA LYS A 37 21.96 12.31 -4.90
C LYS A 37 20.58 12.63 -4.34
N ALA A 38 19.54 12.26 -5.13
CA ALA A 38 18.14 12.41 -4.76
C ALA A 38 17.80 11.62 -3.48
N PHE A 39 18.29 10.38 -3.38
CA PHE A 39 18.12 9.59 -2.16
C PHE A 39 18.87 10.18 -1.00
N LYS A 40 20.08 10.73 -1.25
CA LYS A 40 20.88 11.31 -0.22
C LYS A 40 20.27 12.57 0.36
N VAL A 41 19.37 13.20 -0.37
CA VAL A 41 18.61 14.32 0.16
C VAL A 41 17.85 13.85 1.38
N TRP A 42 17.32 12.61 1.31
CA TRP A 42 16.49 12.13 2.38
C TRP A 42 17.24 11.37 3.42
N SER A 43 18.22 10.58 3.00
CA SER A 43 19.05 9.86 3.99
C SER A 43 19.84 10.84 4.87
N ASP A 44 20.19 12.00 4.32
CA ASP A 44 21.02 12.97 5.10
C ASP A 44 20.30 13.47 6.36
N VAL A 45 19.00 13.23 6.40
CA VAL A 45 18.10 14.03 7.29
C VAL A 45 17.11 13.17 8.14
N THR A 46 17.39 11.86 8.13
CA THR A 46 16.61 10.76 8.77
C THR A 46 17.59 9.59 9.04
N PRO A 47 17.14 8.49 9.67
CA PRO A 47 18.01 7.26 9.74
C PRO A 47 17.88 6.33 8.50
N LEU A 48 17.23 6.77 7.43
CA LEU A 48 17.09 5.97 6.18
C LEU A 48 18.43 5.70 5.47
N ASN A 49 18.62 4.42 5.07
CA ASN A 49 19.68 3.96 4.19
C ASN A 49 19.12 3.42 2.87
N PHE A 50 19.77 3.77 1.75
CA PHE A 50 19.35 3.31 0.42
C PHE A 50 20.45 2.54 -0.25
N THR A 51 20.16 1.32 -0.73
CA THR A 51 21.13 0.52 -1.48
C THR A 51 20.58 0.25 -2.86
N ARG A 52 21.41 0.46 -3.88
CA ARG A 52 21.05 0.09 -5.25
C ARG A 52 21.14 -1.44 -5.50
N LEU A 53 20.12 -1.96 -6.16
CA LEU A 53 20.18 -3.34 -6.66
C LEU A 53 20.27 -3.26 -8.14
N HIS A 54 21.00 -4.20 -8.75
CA HIS A 54 21.13 -4.17 -10.22
C HIS A 54 20.00 -4.85 -10.91
N ASP A 55 19.33 -5.77 -10.20
CA ASP A 55 18.14 -6.46 -10.71
C ASP A 55 17.31 -7.05 -9.56
N GLY A 56 16.29 -7.84 -9.89
CA GLY A 56 15.39 -8.37 -8.85
C GLY A 56 14.41 -7.33 -8.30
N ILE A 57 13.89 -7.63 -7.13
CA ILE A 57 12.81 -6.88 -6.56
C ILE A 57 13.46 -5.96 -5.54
N ALA A 58 13.30 -4.65 -5.71
CA ALA A 58 13.74 -3.65 -4.73
C ALA A 58 12.50 -2.97 -4.17
N ASP A 59 12.70 -2.23 -3.08
CA ASP A 59 11.60 -1.52 -2.48
C ASP A 59 11.11 -0.49 -3.47
N ILE A 60 12.02 0.36 -3.89
CA ILE A 60 11.72 1.42 -4.84
C ILE A 60 12.19 1.02 -6.28
N MET A 61 11.26 0.65 -7.17
CA MET A 61 11.56 0.30 -8.58
C MET A 61 11.43 1.60 -9.37
N ILE A 62 12.50 2.01 -10.06
CA ILE A 62 12.52 3.24 -10.79
C ILE A 62 12.49 2.86 -12.29
N SER A 63 11.66 3.55 -13.05
CA SER A 63 11.62 3.31 -14.49
C SER A 63 11.10 4.55 -15.21
N PHE A 64 11.38 4.56 -16.50
CA PHE A 64 11.02 5.57 -17.46
C PHE A 64 10.00 4.95 -18.44
N GLY A 65 8.90 5.64 -18.65
CA GLY A 65 7.88 5.11 -19.53
C GLY A 65 7.14 6.26 -20.16
N ILE A 66 6.34 5.94 -21.16
CA ILE A 66 5.45 6.93 -21.76
C ILE A 66 4.02 6.40 -21.75
N LYS A 67 3.06 7.32 -21.83
CA LYS A 67 1.64 7.01 -21.93
C LYS A 67 1.27 5.91 -20.95
N GLU A 68 0.52 4.88 -21.41
CA GLU A 68 0.19 3.71 -20.58
C GLU A 68 1.43 2.89 -20.36
N HIS A 69 1.81 2.73 -19.11
CA HIS A 69 3.04 2.03 -18.81
C HIS A 69 2.90 1.06 -17.66
N GLY A 70 1.64 0.64 -17.42
CA GLY A 70 1.29 -0.38 -16.43
C GLY A 70 0.68 0.04 -15.09
N ASP A 71 -0.07 1.15 -15.03
CA ASP A 71 -0.81 1.51 -13.80
C ASP A 71 -1.98 2.42 -14.07
N PHE A 72 -2.56 3.03 -13.04
CA PHE A 72 -3.69 3.94 -13.23
C PHE A 72 -3.25 5.39 -13.37
N TYR A 73 -1.97 5.62 -13.72
CA TYR A 73 -1.39 6.97 -13.85
C TYR A 73 -0.67 7.10 -15.19
N PRO A 74 -1.41 6.98 -16.32
CA PRO A 74 -0.77 7.10 -17.65
C PRO A 74 -0.07 8.46 -17.81
N PHE A 75 1.05 8.50 -18.51
CA PHE A 75 1.67 9.77 -18.76
C PHE A 75 0.98 10.39 -19.97
N ASP A 76 1.35 11.63 -20.27
CA ASP A 76 0.51 12.50 -21.11
C ASP A 76 1.34 13.21 -22.20
N GLY A 77 2.47 12.65 -22.59
CA GLY A 77 3.42 13.36 -23.47
C GLY A 77 4.11 14.52 -22.78
N PRO A 78 4.75 15.39 -23.58
CA PRO A 78 5.66 16.44 -23.03
C PRO A 78 4.94 17.42 -22.07
N SER A 79 5.66 17.85 -21.03
CA SER A 79 5.09 18.70 -19.92
C SER A 79 3.92 18.01 -19.21
N GLY A 80 3.11 18.73 -18.42
CA GLY A 80 2.00 18.09 -17.75
C GLY A 80 2.52 17.28 -16.57
N LEU A 81 2.06 16.04 -16.45
CA LEU A 81 2.64 15.17 -15.44
C LEU A 81 4.10 14.84 -15.87
N LEU A 82 5.07 15.11 -14.98
CA LEU A 82 6.50 14.87 -15.26
C LEU A 82 6.92 13.48 -14.80
N ALA A 83 6.26 13.00 -13.73
CA ALA A 83 6.67 11.79 -13.03
C ALA A 83 5.66 11.64 -11.92
N HIS A 84 5.56 10.42 -11.38
CA HIS A 84 4.74 10.14 -10.22
C HIS A 84 5.36 8.98 -9.46
N ALA A 85 5.10 8.91 -8.17
CA ALA A 85 5.63 7.85 -7.30
C ALA A 85 4.54 7.38 -6.31
N PHE A 86 4.48 6.07 -6.02
CA PHE A 86 3.54 5.51 -5.06
C PHE A 86 4.06 5.67 -3.63
N PRO A 87 3.15 5.96 -2.66
CA PRO A 87 3.55 5.99 -1.25
C PRO A 87 4.05 4.62 -0.77
N PRO A 88 4.73 4.57 0.41
CA PRO A 88 5.31 3.35 0.97
C PRO A 88 4.25 2.22 1.09
N GLY A 89 4.68 0.98 0.88
CA GLY A 89 3.73 -0.11 0.70
C GLY A 89 4.35 -1.20 -0.17
N PRO A 90 3.74 -2.41 -0.22
CA PRO A 90 4.31 -3.53 -1.01
C PRO A 90 4.00 -3.36 -2.53
N ASN A 91 4.61 -4.18 -3.39
CA ASN A 91 4.40 -4.12 -4.84
C ASN A 91 4.68 -2.75 -5.41
N TYR A 92 3.66 -2.09 -5.95
CA TYR A 92 3.80 -0.76 -6.54
C TYR A 92 4.19 0.30 -5.52
N GLY A 93 4.00 0.05 -4.23
CA GLY A 93 4.36 1.02 -3.19
C GLY A 93 5.82 1.47 -3.27
N GLY A 94 6.07 2.76 -3.07
CA GLY A 94 7.45 3.29 -3.20
C GLY A 94 7.96 3.44 -4.65
N ASP A 95 7.40 2.73 -5.64
CA ASP A 95 7.92 2.84 -7.01
C ASP A 95 7.83 4.24 -7.63
N ALA A 96 8.76 4.56 -8.51
CA ALA A 96 8.87 5.92 -9.04
C ALA A 96 8.88 5.80 -10.53
N HIS A 97 7.99 6.53 -11.22
CA HIS A 97 7.90 6.49 -12.69
C HIS A 97 8.13 7.84 -13.27
N PHE A 98 8.94 7.89 -14.35
CA PHE A 98 9.29 9.17 -15.01
C PHE A 98 8.85 9.19 -16.45
N ASP A 99 8.18 10.28 -16.84
CA ASP A 99 7.68 10.39 -18.20
C ASP A 99 8.85 10.68 -19.17
N ASP A 100 9.13 9.72 -20.07
CA ASP A 100 10.22 9.94 -21.00
C ASP A 100 9.84 10.72 -22.27
N ASP A 101 8.62 11.25 -22.33
CA ASP A 101 8.31 12.29 -23.29
C ASP A 101 8.78 13.67 -22.80
N GLU A 102 9.28 13.77 -21.56
CA GLU A 102 10.04 14.94 -21.07
C GLU A 102 11.51 14.90 -21.52
N THR A 103 12.16 16.06 -21.50
CA THR A 103 13.61 16.13 -21.61
C THR A 103 14.26 16.18 -20.22
N TRP A 104 14.96 15.10 -19.89
CA TRP A 104 15.65 14.95 -18.60
C TRP A 104 17.09 15.37 -18.71
N THR A 105 17.55 16.20 -17.78
CA THR A 105 18.95 16.65 -17.83
C THR A 105 19.65 16.66 -16.45
N SER A 106 20.95 16.96 -16.50
CA SER A 106 21.78 17.27 -15.33
C SER A 106 22.24 18.71 -15.43
N SER A 107 21.35 19.58 -15.91
CA SER A 107 21.62 21.01 -16.01
C SER A 107 20.33 21.78 -15.73
N SER A 108 20.36 23.07 -16.03
CA SER A 108 19.21 23.94 -15.99
C SER A 108 18.20 23.77 -17.15
N LYS A 109 18.53 22.95 -18.15
CA LYS A 109 17.71 22.85 -19.34
C LYS A 109 16.72 21.75 -19.07
N GLY A 110 15.65 21.71 -19.87
CA GLY A 110 14.66 20.64 -19.77
C GLY A 110 14.21 20.53 -18.30
N TYR A 111 14.10 19.29 -17.79
CA TYR A 111 13.81 19.06 -16.37
C TYR A 111 14.98 18.41 -15.75
N ASN A 112 15.56 19.06 -14.74
CA ASN A 112 16.64 18.50 -13.96
C ASN A 112 16.20 17.18 -13.27
N LEU A 113 16.83 16.06 -13.65
CA LEU A 113 16.42 14.76 -13.16
C LEU A 113 16.64 14.65 -11.62
N PHE A 114 17.76 15.14 -11.12
CA PHE A 114 18.01 15.13 -9.68
C PHE A 114 16.86 15.75 -8.89
N LEU A 115 16.44 16.92 -9.31
CA LEU A 115 15.36 17.62 -8.57
C LEU A 115 14.01 16.92 -8.66
N VAL A 116 13.54 16.59 -9.85
CA VAL A 116 12.29 15.84 -9.94
C VAL A 116 12.34 14.48 -9.19
N ALA A 117 13.44 13.75 -9.27
CA ALA A 117 13.64 12.48 -8.53
C ALA A 117 13.60 12.75 -6.98
N ALA A 118 14.32 13.75 -6.51
CA ALA A 118 14.30 14.11 -5.07
C ALA A 118 12.85 14.30 -4.60
N HIS A 119 12.08 15.07 -5.36
CA HIS A 119 10.66 15.24 -5.15
C HIS A 119 9.88 13.94 -5.18
N GLU A 120 10.01 13.19 -6.27
CA GLU A 120 9.31 11.90 -6.34
C GLU A 120 9.62 10.96 -5.16
N PHE A 121 10.89 10.94 -4.73
CA PHE A 121 11.31 10.02 -3.67
C PHE A 121 10.72 10.45 -2.31
N GLY A 122 10.32 11.72 -2.17
CA GLY A 122 9.55 12.09 -0.97
C GLY A 122 8.20 11.36 -0.93
N HIS A 123 7.56 11.20 -2.10
CA HIS A 123 6.33 10.44 -2.22
C HIS A 123 6.62 9.03 -1.90
N SER A 124 7.66 8.47 -2.50
CA SER A 124 8.03 7.04 -2.25
C SER A 124 8.18 6.80 -0.73
N LEU A 125 8.59 7.84 0.01
CA LEU A 125 8.87 7.70 1.44
C LEU A 125 7.69 8.03 2.35
N GLY A 126 6.58 8.58 1.82
CA GLY A 126 5.52 9.02 2.71
C GLY A 126 5.11 10.49 2.71
N LEU A 127 5.79 11.35 1.99
CA LEU A 127 5.33 12.75 1.82
C LEU A 127 4.39 12.95 0.63
N ASP A 128 3.25 13.58 0.90
CA ASP A 128 2.38 14.10 -0.16
C ASP A 128 2.85 15.51 -0.52
N HIS A 129 2.13 16.19 -1.43
CA HIS A 129 2.45 17.57 -1.76
C HIS A 129 2.33 18.52 -0.62
N SER A 130 3.21 19.54 -0.58
CA SER A 130 3.15 20.64 0.38
C SER A 130 2.48 21.86 -0.23
N LYS A 131 2.03 22.80 0.60
CA LYS A 131 1.53 24.11 0.11
C LYS A 131 2.60 25.19 0.28
N ASP A 132 3.70 24.85 0.98
CA ASP A 132 4.77 25.81 1.15
C ASP A 132 5.44 26.00 -0.23
N PRO A 133 5.29 27.19 -0.85
CA PRO A 133 5.90 27.44 -2.16
C PRO A 133 7.47 27.28 -2.21
N GLY A 134 8.15 27.22 -1.06
CA GLY A 134 9.62 27.00 -1.03
C GLY A 134 9.99 25.53 -0.83
N ALA A 135 8.99 24.66 -0.70
CA ALA A 135 9.23 23.25 -0.39
C ALA A 135 9.58 22.44 -1.62
N LEU A 136 10.44 21.43 -1.43
CA LEU A 136 10.80 20.54 -2.48
C LEU A 136 9.54 19.74 -2.87
N MET A 137 8.67 19.51 -1.86
CA MET A 137 7.39 18.75 -2.08
C MET A 137 6.24 19.59 -2.67
N PHE A 138 6.50 20.87 -2.97
CA PHE A 138 5.57 21.72 -3.70
C PHE A 138 5.31 21.10 -5.10
N PRO A 139 4.05 21.02 -5.53
CA PRO A 139 3.80 20.21 -6.75
C PRO A 139 4.25 20.84 -8.10
N ILE A 140 4.90 21.99 -8.03
CA ILE A 140 5.38 22.73 -9.22
C ILE A 140 6.89 22.72 -9.32
N TYR A 141 7.38 22.38 -10.50
CA TYR A 141 8.80 22.40 -10.82
C TYR A 141 9.42 23.81 -10.73
N THR A 142 10.53 23.92 -10.00
CA THR A 142 11.37 25.11 -10.04
C THR A 142 12.81 24.61 -10.08
N TYR A 143 13.61 25.16 -10.99
CA TYR A 143 15.05 24.84 -11.01
C TYR A 143 15.90 25.81 -10.15
N THR A 144 16.70 25.26 -9.25
CA THR A 144 17.90 25.90 -8.70
C THR A 144 19.08 24.88 -8.84
N GLY A 145 20.31 25.39 -8.90
CA GLY A 145 21.48 24.51 -8.91
C GLY A 145 22.56 24.98 -7.93
N LYS A 146 22.21 25.14 -6.65
CA LYS A 146 23.25 25.53 -5.67
C LYS A 146 24.19 24.36 -5.44
N SER A 147 25.48 24.66 -5.33
CA SER A 147 26.51 23.65 -5.22
C SER A 147 26.22 22.70 -4.05
N HIS A 148 25.93 23.27 -2.89
CA HIS A 148 25.52 22.48 -1.72
C HIS A 148 24.00 22.53 -1.58
N PHE A 149 23.31 21.46 -2.00
CA PHE A 149 21.84 21.39 -1.90
C PHE A 149 21.37 21.36 -0.42
N MET A 150 20.53 22.34 -0.05
CA MET A 150 19.86 22.28 1.27
C MET A 150 18.37 21.93 1.13
N LEU A 151 17.94 20.84 1.76
CA LEU A 151 16.52 20.55 1.80
C LEU A 151 15.73 21.58 2.60
N PRO A 152 14.66 22.13 2.00
CA PRO A 152 13.92 23.19 2.69
C PRO A 152 13.30 22.71 4.04
N ASP A 153 13.21 23.62 5.01
CA ASP A 153 12.73 23.24 6.35
C ASP A 153 11.41 22.47 6.33
N ASP A 154 10.43 22.94 5.53
CA ASP A 154 9.17 22.25 5.44
C ASP A 154 9.34 20.75 5.09
N ASP A 155 10.23 20.42 4.16
CA ASP A 155 10.51 19.01 3.83
C ASP A 155 11.28 18.25 4.95
N VAL A 156 12.17 18.95 5.66
CA VAL A 156 12.89 18.34 6.78
C VAL A 156 11.86 17.94 7.88
N GLN A 157 10.97 18.87 8.26
CA GLN A 157 9.94 18.60 9.29
C GLN A 157 9.03 17.42 8.84
N GLY A 158 8.65 17.39 7.56
CA GLY A 158 7.73 16.37 7.07
C GLY A 158 8.42 15.03 7.20
N ILE A 159 9.59 14.90 6.60
CA ILE A 159 10.26 13.62 6.60
C ILE A 159 10.64 13.10 8.00
N GLN A 160 11.06 14.00 8.88
CA GLN A 160 11.41 13.62 10.27
C GLN A 160 10.20 13.32 11.13
N SER A 161 9.06 13.94 10.83
CA SER A 161 7.81 13.53 11.52
C SER A 161 7.54 12.03 11.21
N LEU A 162 7.93 11.57 10.01
CA LEU A 162 7.80 10.15 9.70
C LEU A 162 8.91 9.22 10.29
N TYR A 163 10.20 9.60 10.15
CA TYR A 163 11.30 8.70 10.49
C TYR A 163 12.24 9.25 11.56
N GLY A 164 11.95 10.39 12.16
CA GLY A 164 12.94 11.03 13.06
C GLY A 164 14.18 11.55 12.30
N PRO A 165 15.13 12.17 13.01
CA PRO A 165 16.26 12.87 12.41
C PRO A 165 17.49 11.99 12.11
N GLY A 166 17.54 10.77 12.59
CA GLY A 166 18.78 10.01 12.42
C GLY A 166 19.82 10.73 13.22
N ASP A 167 21.09 10.56 12.85
CA ASP A 167 22.23 11.14 13.58
C ASP A 167 22.17 12.61 13.27
N GLU A 168 22.00 13.41 14.30
CA GLU A 168 21.77 14.83 14.13
C GLU A 168 23.10 15.53 13.85
N ASP A 169 24.21 14.81 13.99
CA ASP A 169 25.51 15.30 13.57
C ASP A 169 26.36 14.28 12.77
N TYR B 1 3.77 20.87 5.21
CA TYR B 1 3.88 19.52 4.58
C TYR B 1 2.62 18.73 4.73
N ASN B 2 2.53 17.63 4.01
CA ASN B 2 1.50 16.63 4.21
C ASN B 2 2.10 15.26 4.15
N VAL B 3 1.61 14.35 5.00
CA VAL B 3 1.90 12.95 4.88
C VAL B 3 0.62 12.36 4.29
N PHE B 4 0.61 11.03 4.12
CA PHE B 4 -0.56 10.26 3.77
C PHE B 4 -1.12 9.66 5.10
N PRO B 5 -2.17 10.29 5.66
CA PRO B 5 -2.66 9.70 6.95
C PRO B 5 -3.50 8.42 6.64
N ARG B 6 -3.32 7.36 7.44
CA ARG B 6 -4.18 6.18 7.32
C ARG B 6 -5.45 6.45 8.12
N THR B 7 -6.52 5.77 7.76
CA THR B 7 -7.71 5.76 8.57
C THR B 7 -7.56 4.60 9.52
N LEU B 8 -7.43 4.90 10.81
CA LEU B 8 -7.04 3.86 11.78
C LEU B 8 -8.20 2.92 12.21
N LYS B 9 -9.42 3.42 12.05
CA LYS B 9 -10.64 2.69 12.35
C LYS B 9 -11.77 3.38 11.60
N TRP B 10 -12.85 2.62 11.35
CA TRP B 10 -14.11 3.18 10.84
C TRP B 10 -14.68 4.12 11.86
N SER B 11 -15.16 5.25 11.38
CA SER B 11 -15.66 6.25 12.34
C SER B 11 -17.16 6.02 12.62
N LYS B 12 -17.71 5.00 11.96
CA LYS B 12 -19.11 4.59 12.22
C LYS B 12 -19.13 3.12 12.62
N MET B 13 -20.05 2.72 13.47
CA MET B 13 -20.14 1.31 13.90
C MET B 13 -20.97 0.44 12.95
N ASN B 14 -21.88 1.05 12.21
CA ASN B 14 -22.72 0.30 11.27
C ASN B 14 -22.11 0.31 9.87
N LEU B 15 -21.76 -0.88 9.36
CA LEU B 15 -21.09 -1.02 8.06
C LEU B 15 -21.87 -1.91 7.12
N THR B 16 -21.75 -1.65 5.83
CA THR B 16 -22.44 -2.49 4.83
C THR B 16 -21.43 -3.28 4.04
N TYR B 17 -21.89 -4.38 3.45
CA TYR B 17 -21.05 -5.18 2.60
C TYR B 17 -21.84 -5.64 1.40
N ARG B 18 -21.16 -5.93 0.29
CA ARG B 18 -21.83 -6.42 -0.91
C ARG B 18 -21.02 -7.58 -1.42
N ILE B 19 -21.66 -8.73 -1.63
CA ILE B 19 -20.97 -9.83 -2.32
C ILE B 19 -21.16 -9.61 -3.83
N VAL B 20 -20.08 -9.21 -4.51
CA VAL B 20 -20.22 -8.75 -5.90
C VAL B 20 -20.39 -9.94 -6.88
N ASN B 21 -19.65 -11.02 -6.64
CA ASN B 21 -19.69 -12.23 -7.44
C ASN B 21 -19.35 -13.41 -6.55
N TYR B 22 -19.35 -14.59 -7.14
CA TYR B 22 -19.41 -15.84 -6.39
C TYR B 22 -18.48 -16.83 -7.00
N THR B 23 -17.75 -17.54 -6.14
CA THR B 23 -16.82 -18.57 -6.59
C THR B 23 -17.62 -19.76 -7.20
N PRO B 24 -17.04 -20.46 -8.19
CA PRO B 24 -17.57 -21.72 -8.71
C PRO B 24 -17.63 -22.86 -7.66
N ASP B 25 -16.86 -22.78 -6.56
CA ASP B 25 -16.59 -23.94 -5.73
C ASP B 25 -17.69 -24.22 -4.70
N MET B 26 -18.48 -23.20 -4.38
CA MET B 26 -19.43 -23.35 -3.29
C MET B 26 -20.80 -22.83 -3.76
N THR B 27 -21.90 -23.28 -3.16
CA THR B 27 -23.21 -22.71 -3.54
C THR B 27 -23.24 -21.21 -3.06
N HIS B 28 -24.13 -20.41 -3.68
CA HIS B 28 -24.40 -19.05 -3.21
C HIS B 28 -24.75 -19.05 -1.73
N SER B 29 -25.69 -19.93 -1.36
CA SER B 29 -26.03 -20.14 0.07
C SER B 29 -24.80 -20.40 0.98
N GLU B 30 -23.91 -21.30 0.54
CA GLU B 30 -22.67 -21.60 1.35
C GLU B 30 -21.75 -20.36 1.47
N VAL B 31 -21.54 -19.68 0.34
CA VAL B 31 -20.72 -18.49 0.29
C VAL B 31 -21.30 -17.42 1.22
N GLU B 32 -22.61 -17.23 1.13
CA GLU B 32 -23.33 -16.22 1.89
C GLU B 32 -23.16 -16.46 3.37
N LYS B 33 -23.29 -17.72 3.78
CA LYS B 33 -23.22 -18.15 5.17
C LYS B 33 -21.82 -17.92 5.71
N ALA B 34 -20.81 -18.25 4.90
CA ALA B 34 -19.38 -18.06 5.28
C ALA B 34 -19.04 -16.59 5.60
N PHE B 35 -19.49 -15.69 4.74
CA PHE B 35 -19.25 -14.28 4.92
C PHE B 35 -20.02 -13.70 6.14
N LYS B 36 -21.28 -14.11 6.29
CA LYS B 36 -22.13 -13.69 7.40
C LYS B 36 -21.47 -14.13 8.71
N LYS B 37 -20.95 -15.38 8.72
CA LYS B 37 -20.35 -15.95 9.90
C LYS B 37 -19.01 -15.25 10.15
N ALA B 38 -18.24 -14.98 9.10
CA ALA B 38 -16.96 -14.24 9.23
C ALA B 38 -17.12 -12.81 9.77
N PHE B 39 -18.17 -12.10 9.34
CA PHE B 39 -18.46 -10.79 9.96
C PHE B 39 -18.87 -10.93 11.44
N LYS B 40 -19.54 -12.04 11.74
CA LYS B 40 -20.11 -12.26 13.05
C LYS B 40 -18.98 -12.34 14.07
N VAL B 41 -17.86 -12.93 13.65
CA VAL B 41 -16.64 -13.06 14.44
C VAL B 41 -16.33 -11.68 15.04
N TRP B 42 -16.43 -10.62 14.25
CA TRP B 42 -15.98 -9.30 14.74
C TRP B 42 -17.09 -8.50 15.41
N SER B 43 -18.31 -8.68 14.91
CA SER B 43 -19.49 -8.02 15.54
C SER B 43 -19.77 -8.58 16.94
N ASP B 44 -19.42 -9.86 17.20
CA ASP B 44 -19.70 -10.54 18.46
C ASP B 44 -18.96 -9.96 19.61
N VAL B 45 -17.81 -9.30 19.34
CA VAL B 45 -16.97 -8.76 20.41
C VAL B 45 -16.72 -7.23 20.36
N THR B 46 -17.52 -6.54 19.56
CA THR B 46 -17.41 -5.09 19.41
C THR B 46 -18.81 -4.53 19.19
N PRO B 47 -18.93 -3.19 19.22
CA PRO B 47 -20.20 -2.59 18.84
C PRO B 47 -20.50 -2.57 17.31
N LEU B 48 -19.61 -3.16 16.50
CA LEU B 48 -19.74 -3.14 15.03
C LEU B 48 -20.92 -3.98 14.60
N ASN B 49 -21.73 -3.46 13.65
CA ASN B 49 -22.82 -4.21 13.00
C ASN B 49 -22.61 -4.24 11.47
N PHE B 50 -23.01 -5.32 10.84
CA PHE B 50 -22.76 -5.50 9.41
C PHE B 50 -24.08 -5.84 8.66
N THR B 51 -24.37 -5.08 7.62
CA THR B 51 -25.61 -5.19 6.84
C THR B 51 -25.26 -5.53 5.42
N ARG B 52 -25.92 -6.53 4.87
CA ARG B 52 -25.65 -6.89 3.49
C ARG B 52 -26.44 -6.05 2.50
N LEU B 53 -25.76 -5.36 1.55
CA LEU B 53 -26.50 -4.75 0.41
C LEU B 53 -26.36 -5.64 -0.82
N HIS B 54 -27.40 -5.65 -1.67
CA HIS B 54 -27.39 -6.38 -2.91
C HIS B 54 -26.95 -5.57 -4.10
N ASP B 55 -26.88 -4.26 -3.97
CA ASP B 55 -26.83 -3.34 -5.11
C ASP B 55 -26.03 -2.13 -4.70
N GLY B 56 -25.26 -1.59 -5.65
CA GLY B 56 -24.65 -0.31 -5.44
C GLY B 56 -23.45 -0.43 -4.55
N ILE B 57 -23.06 0.70 -4.01
CA ILE B 57 -21.81 0.79 -3.26
C ILE B 57 -22.09 0.53 -1.79
N ALA B 58 -21.28 -0.38 -1.22
CA ALA B 58 -21.20 -0.66 0.22
C ALA B 58 -19.78 -0.42 0.73
N ASP B 59 -19.61 -0.27 2.06
CA ASP B 59 -18.29 -0.01 2.65
C ASP B 59 -17.29 -1.14 2.30
N ILE B 60 -17.72 -2.38 2.51
CA ILE B 60 -16.90 -3.54 2.24
C ILE B 60 -17.40 -4.25 0.97
N MET B 61 -16.77 -4.00 -0.18
CA MET B 61 -17.07 -4.75 -1.42
C MET B 61 -16.28 -6.07 -1.47
N ILE B 62 -17.01 -7.20 -1.51
CA ILE B 62 -16.41 -8.54 -1.62
C ILE B 62 -16.52 -9.09 -3.05
N SER B 63 -15.38 -9.52 -3.60
CA SER B 63 -15.39 -10.18 -4.91
C SER B 63 -14.30 -11.23 -5.00
N PHE B 64 -14.48 -12.13 -5.94
CA PHE B 64 -13.56 -13.19 -6.29
C PHE B 64 -13.02 -12.82 -7.65
N GLY B 65 -11.70 -12.96 -7.83
CA GLY B 65 -11.00 -12.69 -9.12
C GLY B 65 -9.73 -13.52 -9.29
N ILE B 66 -9.22 -13.62 -10.54
CA ILE B 66 -7.90 -14.22 -10.81
C ILE B 66 -6.86 -13.24 -11.43
N LYS B 67 -5.57 -13.55 -11.26
CA LYS B 67 -4.49 -12.76 -11.90
C LYS B 67 -4.72 -11.24 -11.72
N GLU B 68 -4.61 -10.47 -12.80
CA GLU B 68 -4.91 -9.01 -12.73
C GLU B 68 -6.43 -8.83 -12.77
N HIS B 69 -6.98 -8.27 -11.70
CA HIS B 69 -8.43 -8.25 -11.48
C HIS B 69 -8.90 -6.88 -11.09
N GLY B 70 -8.06 -5.86 -11.33
CA GLY B 70 -8.50 -4.47 -11.33
C GLY B 70 -7.85 -3.51 -10.35
N ASP B 71 -6.84 -3.94 -9.59
CA ASP B 71 -6.17 -3.06 -8.63
C ASP B 71 -4.64 -3.04 -8.73
N PHE B 72 -4.11 -3.67 -9.77
CA PHE B 72 -2.70 -3.84 -10.03
C PHE B 72 -1.92 -4.55 -8.93
N TYR B 73 -2.64 -5.25 -8.02
CA TYR B 73 -2.06 -6.19 -7.07
C TYR B 73 -2.54 -7.59 -7.46
N PRO B 74 -2.03 -8.11 -8.62
CA PRO B 74 -2.63 -9.31 -9.13
C PRO B 74 -2.47 -10.49 -8.18
N PHE B 75 -3.37 -11.45 -8.31
CA PHE B 75 -3.19 -12.75 -7.69
C PHE B 75 -2.27 -13.57 -8.58
N ASP B 76 -2.05 -14.84 -8.20
CA ASP B 76 -0.86 -15.55 -8.60
C ASP B 76 -1.19 -16.97 -9.00
N GLY B 77 -2.46 -17.24 -9.32
CA GLY B 77 -2.84 -18.59 -9.71
C GLY B 77 -2.81 -19.47 -8.47
N PRO B 78 -2.82 -20.80 -8.64
CA PRO B 78 -3.08 -21.63 -7.47
C PRO B 78 -2.01 -21.50 -6.37
N SER B 79 -2.47 -21.56 -5.13
CA SER B 79 -1.67 -21.38 -3.94
C SER B 79 -0.92 -20.05 -3.86
N GLY B 80 0.07 -19.97 -2.98
CA GLY B 80 0.68 -18.69 -2.67
C GLY B 80 -0.30 -17.71 -2.04
N LEU B 81 -0.46 -16.54 -2.68
CA LEU B 81 -1.40 -15.55 -2.20
C LEU B 81 -2.85 -16.10 -2.28
N LEU B 82 -3.59 -16.02 -1.17
CA LEU B 82 -4.96 -16.56 -1.14
C LEU B 82 -6.05 -15.51 -1.37
N ALA B 83 -5.76 -14.28 -0.95
CA ALA B 83 -6.78 -13.23 -0.83
C ALA B 83 -6.07 -11.98 -0.29
N HIS B 84 -6.69 -10.81 -0.46
CA HIS B 84 -6.15 -9.64 0.22
C HIS B 84 -7.24 -8.67 0.45
N ALA B 85 -7.02 -7.77 1.40
CA ALA B 85 -8.06 -6.80 1.71
C ALA B 85 -7.46 -5.44 1.97
N PHE B 86 -8.23 -4.36 1.86
CA PHE B 86 -7.73 -2.99 2.12
C PHE B 86 -8.16 -2.49 3.52
N PRO B 87 -7.31 -1.69 4.18
CA PRO B 87 -7.72 -1.20 5.52
C PRO B 87 -8.81 -0.17 5.40
N PRO B 88 -9.37 0.31 6.54
CA PRO B 88 -10.51 1.23 6.55
C PRO B 88 -10.23 2.48 5.72
N GLY B 89 -11.29 3.00 5.12
CA GLY B 89 -11.17 4.14 4.24
C GLY B 89 -12.23 4.11 3.14
N PRO B 90 -12.31 5.19 2.35
CA PRO B 90 -13.27 5.24 1.26
C PRO B 90 -12.82 4.42 0.03
N ASN B 91 -13.71 4.24 -0.95
CA ASN B 91 -13.40 3.60 -2.22
C ASN B 91 -12.95 2.18 -1.96
N TYR B 92 -11.72 1.86 -2.35
CA TYR B 92 -11.20 0.50 -2.17
C TYR B 92 -10.99 0.10 -0.68
N GLY B 93 -10.93 1.09 0.24
CA GLY B 93 -10.80 0.78 1.67
C GLY B 93 -11.88 -0.17 2.20
N GLY B 94 -11.49 -1.14 3.03
CA GLY B 94 -12.40 -2.16 3.52
C GLY B 94 -12.63 -3.35 2.62
N ASP B 95 -12.43 -3.20 1.31
CA ASP B 95 -12.75 -4.23 0.32
C ASP B 95 -11.91 -5.49 0.44
N ALA B 96 -12.44 -6.63 -0.04
CA ALA B 96 -11.75 -7.91 0.08
C ALA B 96 -11.83 -8.69 -1.21
N HIS B 97 -10.68 -9.14 -1.70
CA HIS B 97 -10.62 -10.01 -2.88
C HIS B 97 -10.03 -11.33 -2.56
N PHE B 98 -10.60 -12.36 -3.19
CA PHE B 98 -10.27 -13.76 -2.94
C PHE B 98 -9.84 -14.35 -4.27
N ASP B 99 -8.74 -15.11 -4.25
CA ASP B 99 -8.14 -15.61 -5.44
C ASP B 99 -8.91 -16.84 -5.88
N ASP B 100 -9.66 -16.69 -6.95
CA ASP B 100 -10.47 -17.81 -7.37
C ASP B 100 -9.67 -18.80 -8.16
N ASP B 101 -8.35 -18.75 -8.08
CA ASP B 101 -7.51 -19.86 -8.54
C ASP B 101 -7.23 -20.85 -7.40
N GLU B 102 -7.77 -20.54 -6.19
CA GLU B 102 -7.79 -21.47 -5.06
C GLU B 102 -9.08 -22.20 -5.13
N THR B 103 -9.14 -23.40 -4.53
CA THR B 103 -10.42 -24.07 -4.31
C THR B 103 -10.96 -23.63 -2.95
N TRP B 104 -12.10 -22.94 -2.95
CA TRP B 104 -12.76 -22.52 -1.73
C TRP B 104 -13.76 -23.53 -1.30
N THR B 105 -13.91 -23.66 0.01
CA THR B 105 -14.79 -24.69 0.58
C THR B 105 -15.45 -24.23 1.88
N SER B 106 -16.57 -24.88 2.19
CA SER B 106 -17.21 -24.72 3.47
C SER B 106 -16.58 -25.69 4.49
N SER B 107 -15.79 -26.69 4.06
CA SER B 107 -15.00 -27.54 5.01
C SER B 107 -13.47 -27.55 4.82
N SER B 108 -12.94 -28.72 4.44
CA SER B 108 -11.50 -29.04 4.56
C SER B 108 -10.77 -29.17 3.19
N LYS B 109 -11.52 -29.47 2.11
CA LYS B 109 -10.99 -29.72 0.72
C LYS B 109 -10.69 -28.39 0.04
N GLY B 110 -9.50 -27.84 0.29
CA GLY B 110 -9.09 -26.55 -0.25
C GLY B 110 -9.15 -25.60 0.90
N TYR B 111 -9.22 -24.30 0.59
CA TYR B 111 -9.26 -23.28 1.64
C TYR B 111 -10.63 -23.05 2.23
N ASN B 112 -10.72 -23.11 3.54
CA ASN B 112 -11.95 -22.78 4.25
C ASN B 112 -12.23 -21.29 4.07
N LEU B 113 -13.33 -20.97 3.37
CA LEU B 113 -13.62 -19.55 3.04
C LEU B 113 -13.96 -18.68 4.27
N PHE B 114 -14.79 -19.24 5.15
CA PHE B 114 -15.15 -18.58 6.40
C PHE B 114 -13.90 -18.05 7.12
N LEU B 115 -12.88 -18.90 7.24
CA LEU B 115 -11.69 -18.60 8.05
C LEU B 115 -10.81 -17.61 7.35
N VAL B 116 -10.56 -17.80 6.05
CA VAL B 116 -9.81 -16.80 5.26
C VAL B 116 -10.57 -15.44 5.22
N ALA B 117 -11.89 -15.44 4.95
CA ALA B 117 -12.68 -14.20 5.03
C ALA B 117 -12.57 -13.50 6.39
N ALA B 118 -12.73 -14.26 7.45
CA ALA B 118 -12.70 -13.72 8.80
C ALA B 118 -11.35 -13.01 9.01
N HIS B 119 -10.27 -13.66 8.56
CA HIS B 119 -8.92 -13.05 8.59
C HIS B 119 -8.87 -11.75 7.80
N GLU B 120 -9.35 -11.80 6.56
CA GLU B 120 -9.39 -10.65 5.67
C GLU B 120 -10.20 -9.51 6.24
N PHE B 121 -11.36 -9.82 6.80
CA PHE B 121 -12.16 -8.76 7.42
C PHE B 121 -11.46 -8.15 8.63
N GLY B 122 -10.57 -8.87 9.28
CA GLY B 122 -9.74 -8.24 10.32
C GLY B 122 -8.96 -7.07 9.77
N HIS B 123 -8.30 -7.28 8.60
CA HIS B 123 -7.69 -6.20 7.81
C HIS B 123 -8.63 -5.06 7.43
N SER B 124 -9.79 -5.42 6.88
CA SER B 124 -10.83 -4.46 6.52
C SER B 124 -11.18 -3.54 7.68
N LEU B 125 -10.97 -4.03 8.89
CA LEU B 125 -11.43 -3.28 10.07
C LEU B 125 -10.30 -2.59 10.78
N GLY B 126 -9.07 -2.75 10.29
CA GLY B 126 -7.92 -2.03 10.89
C GLY B 126 -6.82 -2.86 11.54
N LEU B 127 -6.92 -4.20 11.48
CA LEU B 127 -5.87 -5.07 12.07
C LEU B 127 -4.82 -5.56 11.07
N ASP B 128 -3.57 -5.47 11.50
CA ASP B 128 -2.43 -5.99 10.75
C ASP B 128 -2.21 -7.43 11.21
N HIS B 129 -1.13 -8.04 10.73
CA HIS B 129 -0.75 -9.36 11.18
C HIS B 129 -0.27 -9.40 12.58
N SER B 130 -0.73 -10.46 13.25
CA SER B 130 -0.29 -10.78 14.57
C SER B 130 1.00 -11.58 14.52
N LYS B 131 1.80 -11.43 15.56
CA LYS B 131 2.94 -12.33 15.73
C LYS B 131 2.61 -13.56 16.61
N ASP B 132 1.42 -13.58 17.18
CA ASP B 132 1.04 -14.68 18.04
C ASP B 132 0.58 -15.85 17.13
N PRO B 133 1.23 -17.02 17.24
CA PRO B 133 0.95 -18.13 16.30
C PRO B 133 -0.45 -18.75 16.41
N GLY B 134 -1.11 -18.53 17.56
CA GLY B 134 -2.52 -18.92 17.74
C GLY B 134 -3.60 -17.97 17.22
N ALA B 135 -3.21 -16.79 16.70
CA ALA B 135 -4.14 -15.73 16.33
C ALA B 135 -4.74 -15.96 14.97
N LEU B 136 -6.00 -15.57 14.78
CA LEU B 136 -6.65 -15.58 13.46
C LEU B 136 -5.90 -14.61 12.52
N MET B 137 -5.31 -13.55 13.10
CA MET B 137 -4.55 -12.51 12.35
C MET B 137 -3.10 -12.86 12.07
N PHE B 138 -2.69 -14.06 12.50
CA PHE B 138 -1.38 -14.63 12.11
C PHE B 138 -1.45 -14.87 10.60
N PRO B 139 -0.34 -14.62 9.90
CA PRO B 139 -0.29 -14.71 8.41
C PRO B 139 -0.53 -16.10 7.78
N ILE B 140 -0.50 -17.19 8.56
CA ILE B 140 -0.49 -18.57 8.01
C ILE B 140 -1.84 -19.33 8.15
N TYR B 141 -2.28 -20.03 7.09
CA TYR B 141 -3.59 -20.72 7.14
C TYR B 141 -3.54 -22.01 7.97
N THR B 142 -4.50 -22.13 8.91
CA THR B 142 -4.67 -23.32 9.73
C THR B 142 -6.16 -23.60 9.77
N TYR B 143 -6.50 -24.87 9.73
CA TYR B 143 -7.87 -25.35 9.75
C TYR B 143 -7.90 -26.53 10.68
N THR B 144 -8.54 -26.39 11.84
CA THR B 144 -8.44 -27.46 12.88
C THR B 144 -9.39 -28.70 12.73
N GLY B 145 -10.36 -28.65 11.80
CA GLY B 145 -11.49 -29.60 11.76
C GLY B 145 -12.67 -29.27 12.69
N LYS B 146 -12.41 -28.39 13.68
CA LYS B 146 -13.34 -28.06 14.78
C LYS B 146 -14.63 -27.44 14.21
N SER B 147 -15.79 -27.91 14.65
CA SER B 147 -17.07 -27.43 14.10
C SER B 147 -17.51 -26.06 14.67
N HIS B 148 -16.83 -25.57 15.71
CA HIS B 148 -17.20 -24.36 16.46
C HIS B 148 -16.09 -23.38 16.59
N PHE B 149 -16.15 -22.26 15.88
CA PHE B 149 -15.09 -21.23 16.02
C PHE B 149 -15.20 -20.38 17.27
N MET B 150 -14.06 -20.17 17.96
CA MET B 150 -13.92 -19.23 19.08
C MET B 150 -12.78 -18.29 18.63
N LEU B 151 -13.01 -16.98 18.65
CA LEU B 151 -11.96 -16.05 18.24
C LEU B 151 -10.85 -15.96 19.32
N PRO B 152 -9.56 -16.20 18.96
CA PRO B 152 -8.47 -16.19 19.95
C PRO B 152 -8.40 -14.83 20.64
N ASP B 153 -8.07 -14.88 21.92
CA ASP B 153 -7.91 -13.70 22.74
C ASP B 153 -7.03 -12.59 22.13
N ASP B 154 -5.98 -12.96 21.42
CA ASP B 154 -5.15 -11.94 20.86
C ASP B 154 -5.93 -11.06 19.88
N ASP B 155 -6.79 -11.70 19.09
CA ASP B 155 -7.59 -10.96 18.09
C ASP B 155 -8.68 -10.12 18.78
N VAL B 156 -9.22 -10.64 19.89
CA VAL B 156 -10.26 -9.99 20.69
C VAL B 156 -9.58 -8.72 21.26
N GLN B 157 -8.39 -8.85 21.79
CA GLN B 157 -7.72 -7.67 22.31
C GLN B 157 -7.37 -6.64 21.25
N GLY B 158 -6.97 -7.14 20.09
CA GLY B 158 -6.64 -6.27 18.94
C GLY B 158 -7.82 -5.42 18.47
N ILE B 159 -8.94 -6.09 18.26
CA ILE B 159 -10.12 -5.43 17.70
C ILE B 159 -10.72 -4.54 18.76
N GLN B 160 -10.71 -5.03 20.00
CA GLN B 160 -11.24 -4.21 21.08
C GLN B 160 -10.36 -2.98 21.28
N SER B 161 -9.07 -3.06 21.01
CA SER B 161 -8.18 -1.89 21.19
C SER B 161 -8.57 -0.75 20.23
N LEU B 162 -9.35 -1.07 19.21
CA LEU B 162 -9.84 -0.09 18.24
C LEU B 162 -11.28 0.33 18.46
N TYR B 163 -12.14 -0.59 18.87
CA TYR B 163 -13.58 -0.29 18.91
C TYR B 163 -14.23 -0.40 20.29
N GLY B 164 -13.50 -0.90 21.28
CA GLY B 164 -14.15 -1.24 22.56
C GLY B 164 -14.95 -2.54 22.46
N PRO B 165 -15.38 -3.09 23.61
CA PRO B 165 -16.19 -4.33 23.69
C PRO B 165 -17.62 -4.13 23.21
N GLY B 166 -18.31 -5.20 22.87
CA GLY B 166 -19.75 -5.12 22.61
C GLY B 166 -20.53 -5.10 23.92
#